data_5EJ0
#
_entry.id   5EJ0
#
_cell.length_a   42.360
_cell.length_b   54.790
_cell.length_c   111.990
_cell.angle_alpha   90.000
_cell.angle_beta   90.000
_cell.angle_gamma   90.000
#
_symmetry.space_group_name_H-M   'P 21 21 21'
#
loop_
_entity.id
_entity.type
_entity.pdbx_description
1 polymer 'Envelope protein H3'
2 non-polymer 2-AMINO-ETHANETHIOL
3 non-polymer 2-(2-METHOXYETHOXY)ETHANOL
4 non-polymer GLYCEROL
5 non-polymer N-PROPANOL
6 non-polymer 1,3-PROPANDIOL
7 non-polymer 1,2-ETHANEDIOL
8 non-polymer ETHANOL
9 non-polymer METHANOL
10 non-polymer 'MAGNESIUM ION'
11 water water
#
_entity_poly.entity_id   1
_entity_poly.type   'polypeptide(L)'
_entity_poly.pdbx_seq_one_letter_code
;AKTPVIVVPVIDRLPSETFPNVHEHINDQKFDDVKDNEVMPEKRNVVVVKDDPDHYKDYAFIQWTGGNIRNDDKYTHFFS
GFCNTMCTEETKRNIARHLALWDSNFFTELENKKVEYVVIVENDNVIEDITFLRPVLKAMHDKKIDILQMREIITGNKVK
TELVMDKNHAIFTYTGGYDVSLSAYIIRVTTALNIVDEIIKSGGLSSGFYFEIARIENEMKINRQILDNAAKYVEHD
;
_entity_poly.pdbx_strand_id   A
#
# COMPACT_ATOMS: atom_id res chain seq x y z
N ALA A 1 14.93 8.95 -11.25
CA ALA A 1 14.58 7.79 -10.43
C ALA A 1 13.08 7.50 -10.48
N LYS A 2 12.72 6.46 -11.24
CA LYS A 2 11.32 6.13 -11.47
C LYS A 2 10.58 5.68 -10.21
N THR A 3 9.28 5.95 -10.20
CA THR A 3 8.38 5.51 -9.13
C THR A 3 7.83 4.11 -9.44
N PRO A 4 8.15 3.13 -8.57
CA PRO A 4 7.60 1.79 -8.72
C PRO A 4 6.09 1.80 -8.56
N VAL A 5 5.43 1.09 -9.47
CA VAL A 5 3.99 0.88 -9.42
C VAL A 5 3.83 -0.62 -9.38
N ILE A 6 3.39 -1.12 -8.23
CA ILE A 6 3.48 -2.55 -7.93
C ILE A 6 2.12 -3.22 -7.79
N VAL A 7 1.88 -4.20 -8.66
CA VAL A 7 0.67 -4.99 -8.60
C VAL A 7 0.89 -6.20 -7.68
N VAL A 8 -0.02 -6.37 -6.73
CA VAL A 8 0.02 -7.48 -5.80
C VAL A 8 -1.14 -8.42 -6.13
N PRO A 9 -0.82 -9.62 -6.62
CA PRO A 9 -1.89 -10.53 -7.01
C PRO A 9 -2.66 -11.10 -5.82
N VAL A 10 -3.98 -10.93 -5.81
CA VAL A 10 -4.85 -11.53 -4.82
C VAL A 10 -5.92 -12.39 -5.52
N ILE A 11 -6.08 -12.19 -6.82
CA ILE A 11 -6.90 -13.10 -7.64
C ILE A 11 -6.11 -13.51 -8.88
N ASP A 12 -6.57 -14.56 -9.56
CA ASP A 12 -5.84 -15.03 -10.73
C ASP A 12 -6.28 -14.32 -11.98
N ARG A 13 -5.51 -13.30 -12.37
CA ARG A 13 -5.68 -12.66 -13.67
C ARG A 13 -4.47 -11.79 -13.95
N LEU A 14 -4.30 -11.44 -15.22
CA LEU A 14 -3.14 -10.67 -15.67
C LEU A 14 -3.13 -9.30 -15.01
N PRO A 15 -1.92 -8.76 -14.75
CA PRO A 15 -1.81 -7.42 -14.16
C PRO A 15 -2.31 -6.34 -15.11
N SER A 16 -2.30 -6.63 -16.40
CA SER A 16 -2.75 -5.68 -17.40
C SER A 16 -4.21 -5.31 -17.18
N GLU A 17 -4.98 -6.17 -16.52
CA GLU A 17 -6.38 -5.83 -16.25
C GLU A 17 -6.53 -4.74 -15.18
N THR A 18 -5.49 -4.54 -14.38
CA THR A 18 -5.52 -3.54 -13.32
C THR A 18 -5.20 -2.18 -13.90
N PHE A 19 -4.34 -2.19 -14.92
CA PHE A 19 -3.96 -0.98 -15.61
C PHE A 19 -4.25 -1.13 -17.11
N PRO A 20 -5.54 -1.11 -17.48
CA PRO A 20 -5.96 -1.45 -18.85
C PRO A 20 -5.49 -0.46 -19.90
N ASN A 21 -5.08 0.74 -19.51
CA ASN A 21 -4.67 1.74 -20.48
C ASN A 21 -3.19 2.07 -20.41
N VAL A 22 -2.42 1.20 -19.77
CA VAL A 22 -0.97 1.35 -19.76
C VAL A 22 -0.35 0.51 -20.89
N HIS A 23 0.38 1.18 -21.78
CA HIS A 23 0.90 0.53 -22.99
C HIS A 23 2.36 0.10 -22.84
N GLU A 24 2.60 -0.80 -21.90
CA GLU A 24 3.94 -1.34 -21.65
C GLU A 24 3.83 -2.80 -21.25
N HIS A 25 4.84 -3.29 -20.53
CA HIS A 25 4.79 -4.64 -19.97
C HIS A 25 5.09 -4.58 -18.47
N ILE A 26 4.45 -5.46 -17.72
CA ILE A 26 4.61 -5.48 -16.27
C ILE A 26 5.49 -6.65 -15.85
N ASN A 27 6.65 -6.34 -15.28
CA ASN A 27 7.65 -7.35 -14.93
C ASN A 27 7.46 -7.97 -13.54
N ASP A 28 7.66 -9.28 -13.45
CA ASP A 28 7.53 -10.02 -12.19
C ASP A 28 8.74 -9.86 -11.27
N GLN A 29 8.58 -10.21 -10.00
CA GLN A 29 9.65 -10.11 -9.01
C GLN A 29 9.31 -10.73 -7.63
N LYS A 30 10.29 -11.40 -7.01
CA LYS A 30 10.07 -12.09 -5.74
C LYS A 30 11.21 -11.84 -4.73
N PHE A 31 11.25 -12.64 -3.66
CA PHE A 31 12.30 -12.57 -2.65
C PHE A 31 12.40 -11.18 -2.02
N LYS A 57 6.92 6.12 -18.50
CA LYS A 57 8.24 6.75 -18.47
C LYS A 57 8.57 7.30 -17.09
N ASP A 58 7.54 7.70 -16.34
CA ASP A 58 7.73 8.11 -14.96
C ASP A 58 7.68 6.91 -14.01
N TYR A 59 7.10 5.82 -14.48
CA TYR A 59 6.77 4.69 -13.61
C TYR A 59 7.44 3.39 -14.01
N ALA A 60 7.80 2.58 -13.01
CA ALA A 60 8.29 1.24 -13.23
C ALA A 60 7.21 0.25 -12.82
N PHE A 61 6.54 -0.34 -13.81
CA PHE A 61 5.46 -1.28 -13.52
C PHE A 61 5.99 -2.66 -13.21
N ILE A 62 5.56 -3.19 -12.06
CA ILE A 62 6.07 -4.44 -11.52
C ILE A 62 4.91 -5.27 -10.95
N GLN A 63 5.05 -6.60 -11.01
CA GLN A 63 4.16 -7.47 -10.26
C GLN A 63 4.94 -8.18 -9.15
N TRP A 64 4.51 -8.02 -7.90
CA TRP A 64 5.17 -8.63 -6.74
C TRP A 64 4.55 -9.97 -6.41
N THR A 65 5.35 -11.03 -6.47
CA THR A 65 4.84 -12.40 -6.30
C THR A 65 5.31 -13.10 -5.03
N GLY A 66 6.06 -12.39 -4.18
CA GLY A 66 6.50 -12.96 -2.93
C GLY A 66 5.42 -12.91 -1.87
N GLY A 67 5.76 -13.31 -0.65
CA GLY A 67 4.84 -13.18 0.47
C GLY A 67 3.65 -14.12 0.47
N ASN A 68 3.61 -15.03 -0.49
CA ASN A 68 2.47 -15.92 -0.65
C ASN A 68 2.43 -17.08 0.35
N ILE A 69 1.26 -17.70 0.43
CA ILE A 69 0.87 -18.64 1.50
C ILE A 69 1.95 -19.61 1.98
N ARG A 70 2.00 -20.79 1.35
CA ARG A 70 2.84 -21.89 1.80
C ARG A 70 4.31 -21.58 1.98
N ASN A 71 4.85 -20.74 1.11
CA ASN A 71 6.23 -20.30 1.21
C ASN A 71 6.38 -19.19 2.24
N ASP A 72 6.24 -19.55 3.51
CA ASP A 72 6.28 -18.57 4.58
C ASP A 72 6.73 -19.12 5.93
N ASP A 73 7.79 -19.93 5.92
CA ASP A 73 8.40 -20.40 7.14
C ASP A 73 9.15 -19.26 7.80
N LYS A 74 9.44 -18.23 7.03
CA LYS A 74 10.17 -17.07 7.51
C LYS A 74 9.33 -15.80 7.51
N TYR A 75 8.02 -15.95 7.42
CA TYR A 75 7.11 -14.83 7.62
C TYR A 75 6.54 -14.89 9.03
N THR A 76 6.95 -15.92 9.76
CA THR A 76 6.46 -16.15 11.11
C THR A 76 6.75 -14.98 12.05
N HIS A 77 7.77 -14.18 11.73
CA HIS A 77 8.10 -13.04 12.57
C HIS A 77 7.14 -11.86 12.35
N PHE A 78 6.29 -11.94 11.32
CA PHE A 78 5.23 -10.95 11.15
C PHE A 78 4.12 -11.16 12.18
N PHE A 79 4.05 -12.35 12.78
CA PHE A 79 2.95 -12.63 13.70
C PHE A 79 3.43 -13.17 15.03
N SER A 80 2.67 -12.88 16.09
CA SER A 80 2.96 -13.43 17.41
C SER A 80 2.76 -14.95 17.40
N GLY A 81 3.22 -15.62 18.46
CA GLY A 81 3.12 -17.07 18.52
C GLY A 81 1.70 -17.55 18.69
N PHE A 82 0.89 -16.75 19.39
CA PHE A 82 -0.42 -17.19 19.85
C PHE A 82 -1.59 -16.85 18.92
N CYS A 83 -2.35 -15.84 19.34
CA CYS A 83 -3.73 -15.56 18.90
C CYS A 83 -4.68 -16.65 19.38
N ASN A 84 -5.55 -17.13 18.50
CA ASN A 84 -6.52 -18.18 18.85
C ASN A 84 -5.83 -19.54 19.03
N THR A 85 -6.38 -20.57 18.42
CA THR A 85 -5.61 -21.79 18.22
C THR A 85 -4.43 -21.35 17.38
N MET A 86 -4.76 -20.68 16.28
CA MET A 86 -3.86 -19.88 15.45
C MET A 86 -4.74 -18.89 14.68
N CYS A 87 -4.13 -17.92 14.00
CA CYS A 87 -4.91 -17.09 13.10
C CYS A 87 -5.21 -17.86 11.83
N THR A 88 -6.33 -17.54 11.19
CA THR A 88 -6.67 -18.13 9.91
C THR A 88 -5.54 -17.90 8.91
N GLU A 89 -5.24 -18.92 8.11
CA GLU A 89 -4.22 -18.78 7.09
C GLU A 89 -4.61 -17.68 6.11
N GLU A 90 -5.91 -17.40 5.98
CA GLU A 90 -6.42 -16.42 5.03
C GLU A 90 -6.10 -14.97 5.41
N THR A 91 -6.35 -14.62 6.68
CA THR A 91 -6.11 -13.26 7.13
C THR A 91 -4.60 -12.98 7.15
N LYS A 92 -3.85 -13.93 7.69
CA LYS A 92 -2.40 -13.82 7.72
C LYS A 92 -1.83 -13.66 6.31
N ARG A 93 -2.29 -14.49 5.37
CA ARG A 93 -1.81 -14.46 4.01
C ARG A 93 -1.99 -13.10 3.37
N ASN A 94 -3.17 -12.51 3.54
CA ASN A 94 -3.47 -11.21 2.94
C ASN A 94 -2.53 -10.11 3.40
N ILE A 95 -2.30 -10.03 4.69
CA ILE A 95 -1.42 -8.99 5.20
C ILE A 95 0.05 -9.36 4.95
N ALA A 96 0.37 -10.66 4.98
CA ALA A 96 1.75 -11.10 4.76
C ALA A 96 2.28 -10.67 3.41
N ARG A 97 1.43 -10.68 2.39
CA ARG A 97 1.86 -10.26 1.06
C ARG A 97 2.48 -8.86 1.12
N HIS A 98 1.85 -7.98 1.88
CA HIS A 98 2.31 -6.59 1.96
C HIS A 98 3.53 -6.45 2.84
N LEU A 99 3.46 -7.02 4.04
CA LEU A 99 4.60 -6.94 4.95
C LEU A 99 5.86 -7.54 4.33
N ALA A 100 5.70 -8.61 3.55
CA ALA A 100 6.85 -9.23 2.87
C ALA A 100 7.44 -8.27 1.85
N LEU A 101 6.56 -7.56 1.15
CA LEU A 101 7.01 -6.54 0.20
C LEU A 101 7.72 -5.41 0.92
N TRP A 102 7.12 -4.89 1.97
CA TRP A 102 7.75 -3.81 2.73
C TRP A 102 9.11 -4.26 3.27
N ASP A 103 9.21 -5.51 3.66
CA ASP A 103 10.43 -6.05 4.28
C ASP A 103 11.42 -6.65 3.28
N SER A 104 11.22 -6.42 1.98
CA SER A 104 12.03 -7.08 0.96
C SER A 104 13.38 -6.39 0.71
N ASN A 105 14.32 -7.14 0.14
CA ASN A 105 15.57 -6.55 -0.35
C ASN A 105 15.29 -5.47 -1.38
N PHE A 106 14.25 -5.67 -2.17
CA PHE A 106 13.83 -4.67 -3.14
C PHE A 106 13.61 -3.32 -2.46
N PHE A 107 12.90 -3.30 -1.33
CA PHE A 107 12.58 -2.04 -0.66
C PHE A 107 13.80 -1.41 -0.02
N THR A 108 14.64 -2.21 0.63
CA THR A 108 15.85 -1.68 1.22
C THR A 108 16.76 -1.12 0.13
N GLU A 109 16.72 -1.71 -1.06
CA GLU A 109 17.48 -1.14 -2.17
C GLU A 109 16.87 0.17 -2.63
N LEU A 110 15.55 0.31 -2.54
CA LEU A 110 14.90 1.55 -2.92
C LEU A 110 15.32 2.63 -1.93
N GLU A 111 15.47 2.27 -0.67
CA GLU A 111 15.97 3.20 0.35
C GLU A 111 17.43 3.62 0.09
N ASN A 112 18.29 2.64 -0.22
CA ASN A 112 19.66 2.91 -0.68
C ASN A 112 19.69 3.86 -1.88
N LYS A 113 18.79 3.63 -2.83
CA LYS A 113 18.75 4.41 -4.07
C LYS A 113 17.94 5.71 -3.97
N LYS A 114 17.52 6.07 -2.76
CA LYS A 114 16.76 7.31 -2.55
C LYS A 114 15.47 7.44 -3.39
N VAL A 115 14.80 6.31 -3.62
CA VAL A 115 13.45 6.35 -4.21
C VAL A 115 12.43 6.70 -3.11
N GLU A 116 11.61 7.71 -3.33
CA GLU A 116 10.75 8.24 -2.27
C GLU A 116 9.48 7.42 -2.01
N TYR A 117 8.67 7.25 -3.04
CA TYR A 117 7.38 6.56 -2.93
C TYR A 117 7.24 5.32 -3.80
N VAL A 118 6.37 4.40 -3.38
CA VAL A 118 5.91 3.34 -4.26
C VAL A 118 4.39 3.34 -4.29
N VAL A 119 3.82 2.95 -5.43
CA VAL A 119 2.38 2.78 -5.56
C VAL A 119 2.11 1.28 -5.52
N ILE A 120 1.20 0.86 -4.65
CA ILE A 120 0.93 -0.55 -4.48
C ILE A 120 -0.55 -0.83 -4.69
N VAL A 121 -0.88 -1.74 -5.60
CA VAL A 121 -2.28 -1.98 -5.91
C VAL A 121 -2.57 -3.48 -5.99
N GLU A 122 -3.51 -3.97 -5.18
CA GLU A 122 -3.95 -5.37 -5.31
C GLU A 122 -4.72 -5.55 -6.62
N ASN A 123 -4.55 -6.69 -7.27
CA ASN A 123 -5.02 -6.80 -8.66
C ASN A 123 -6.52 -7.07 -8.81
N ASP A 124 -7.26 -7.04 -7.72
CA ASP A 124 -8.72 -7.01 -7.84
C ASP A 124 -9.20 -5.57 -7.85
N ASN A 125 -8.32 -4.66 -8.26
CA ASN A 125 -8.72 -3.29 -8.51
C ASN A 125 -8.53 -2.97 -9.97
N VAL A 126 -9.21 -1.93 -10.44
CA VAL A 126 -8.93 -1.41 -11.78
C VAL A 126 -8.65 0.09 -11.74
N ILE A 127 -7.54 0.48 -12.34
CA ILE A 127 -7.19 1.89 -12.49
C ILE A 127 -7.12 2.23 -13.97
N GLU A 128 -8.23 2.75 -14.49
CA GLU A 128 -8.35 3.05 -15.92
C GLU A 128 -7.52 4.22 -16.37
N ASP A 129 -7.23 5.13 -15.45
CA ASP A 129 -6.55 6.38 -15.81
C ASP A 129 -5.52 6.72 -14.73
N ILE A 130 -4.25 6.53 -15.06
CA ILE A 130 -3.16 6.75 -14.10
C ILE A 130 -2.64 8.19 -14.07
N THR A 131 -3.21 9.07 -14.89
CA THR A 131 -2.69 10.44 -14.98
C THR A 131 -2.80 11.21 -13.65
N PHE A 132 -3.76 10.85 -12.80
CA PHE A 132 -3.90 11.52 -11.52
C PHE A 132 -2.68 11.31 -10.61
N LEU A 133 -1.92 10.26 -10.85
CA LEU A 133 -0.80 9.91 -9.96
C LEU A 133 0.30 10.97 -9.98
N ARG A 134 0.53 11.56 -11.15
CA ARG A 134 1.63 12.53 -11.26
C ARG A 134 1.41 13.75 -10.34
N PRO A 135 0.27 14.45 -10.47
CA PRO A 135 0.13 15.58 -9.53
C PRO A 135 -0.05 15.15 -8.06
N VAL A 136 -0.64 13.98 -7.85
CA VAL A 136 -0.81 13.48 -6.48
C VAL A 136 0.53 13.20 -5.81
N LEU A 137 1.44 12.53 -6.51
CA LEU A 137 2.75 12.27 -5.96
C LEU A 137 3.53 13.54 -5.66
N LYS A 138 3.40 14.54 -6.53
CA LYS A 138 4.09 15.81 -6.30
C LYS A 138 3.55 16.50 -5.06
N ALA A 139 2.22 16.53 -4.95
CA ALA A 139 1.56 17.15 -3.80
C ALA A 139 1.89 16.41 -2.51
N MET A 140 1.96 15.08 -2.56
CA MET A 140 2.32 14.31 -1.38
C MET A 140 3.72 14.70 -0.92
N HIS A 141 4.65 14.80 -1.87
CA HIS A 141 6.03 15.17 -1.55
C HIS A 141 6.08 16.54 -0.89
N ASP A 142 5.39 17.50 -1.51
CA ASP A 142 5.37 18.88 -1.04
C ASP A 142 4.72 19.01 0.33
N LYS A 143 3.68 18.21 0.59
CA LYS A 143 2.90 18.35 1.81
C LYS A 143 3.34 17.34 2.88
N LYS A 144 4.43 16.63 2.60
CA LYS A 144 5.05 15.68 3.54
C LYS A 144 4.09 14.55 3.92
N ILE A 145 3.26 14.13 2.96
CA ILE A 145 2.35 13.01 3.19
C ILE A 145 3.11 11.70 3.03
N ASP A 146 2.92 10.78 3.99
CA ASP A 146 3.68 9.54 4.02
C ASP A 146 2.91 8.38 3.38
N ILE A 147 1.60 8.40 3.54
CA ILE A 147 0.72 7.39 2.95
C ILE A 147 -0.52 8.00 2.36
N LEU A 148 -0.83 7.65 1.12
CA LEU A 148 -2.14 7.96 0.57
C LEU A 148 -2.90 6.67 0.36
N GLN A 149 -3.96 6.49 1.14
CA GLN A 149 -4.75 5.26 1.07
C GLN A 149 -5.83 5.43 0.02
N MET A 150 -5.82 4.59 -1.00
CA MET A 150 -6.71 4.77 -2.15
C MET A 150 -7.92 3.86 -2.11
N ARG A 151 -8.39 3.61 -0.90
CA ARG A 151 -9.65 2.94 -0.70
C ARG A 151 -10.23 3.44 0.60
N GLU A 152 -11.53 3.73 0.59
CA GLU A 152 -12.20 4.23 1.79
C GLU A 152 -12.88 3.10 2.54
N ILE A 153 -12.92 3.20 3.87
CA ILE A 153 -13.51 2.15 4.68
C ILE A 153 -14.65 2.63 5.57
N ILE A 154 -14.44 3.74 6.26
CA ILE A 154 -15.45 4.24 7.19
C ILE A 154 -16.41 5.21 6.51
N THR A 155 -17.70 4.95 6.62
CA THR A 155 -18.70 5.85 6.06
C THR A 155 -18.96 7.03 6.98
N GLY A 156 -19.72 8.00 6.51
CA GLY A 156 -20.09 9.13 7.34
C GLY A 156 -19.32 10.38 6.97
N ASN A 157 -19.70 11.51 7.57
CA ASN A 157 -19.06 12.79 7.28
C ASN A 157 -17.58 12.81 7.66
N LYS A 158 -16.79 13.43 6.79
CA LYS A 158 -15.33 13.53 6.96
C LYS A 158 -14.86 14.97 6.79
N VAL A 159 -13.73 15.31 7.41
CA VAL A 159 -13.14 16.63 7.24
C VAL A 159 -12.09 16.62 6.11
N LYS A 160 -12.50 17.11 4.95
CA LYS A 160 -11.68 17.04 3.75
C LYS A 160 -10.78 18.27 3.59
N THR A 161 -9.59 18.05 3.06
CA THR A 161 -8.70 19.14 2.65
C THR A 161 -8.23 18.89 1.24
N GLU A 162 -8.04 19.97 0.49
CA GLU A 162 -7.64 19.82 -0.88
C GLU A 162 -6.19 19.37 -0.97
N LEU A 163 -5.95 18.33 -1.75
CA LEU A 163 -4.59 17.84 -1.96
C LEU A 163 -3.96 18.51 -3.17
N VAL A 164 -4.69 18.52 -4.28
CA VAL A 164 -4.16 18.99 -5.54
C VAL A 164 -5.29 19.09 -6.56
N MET A 165 -5.08 19.85 -7.62
CA MET A 165 -6.05 19.94 -8.70
C MET A 165 -5.63 19.04 -9.85
N ASP A 166 -6.55 18.21 -10.33
CA ASP A 166 -6.32 17.32 -11.45
C ASP A 166 -7.25 17.78 -12.57
N LYS A 167 -6.67 18.07 -13.73
CA LYS A 167 -7.32 18.90 -14.76
C LYS A 167 -8.10 20.03 -14.09
N ASN A 168 -9.43 19.95 -14.13
CA ASN A 168 -10.26 20.97 -13.51
C ASN A 168 -11.07 20.45 -12.34
N HIS A 169 -10.58 19.41 -11.68
CA HIS A 169 -11.28 18.90 -10.52
C HIS A 169 -10.35 18.87 -9.31
N ALA A 170 -10.91 19.20 -8.16
CA ALA A 170 -10.15 19.18 -6.94
C ALA A 170 -10.07 17.75 -6.43
N ILE A 171 -8.89 17.34 -6.00
CA ILE A 171 -8.70 16.06 -5.32
C ILE A 171 -8.57 16.32 -3.82
N PHE A 172 -9.43 15.70 -3.02
CA PHE A 172 -9.44 15.92 -1.57
C PHE A 172 -8.96 14.68 -0.81
N THR A 173 -8.45 14.87 0.39
CA THR A 173 -8.16 13.76 1.29
C THR A 173 -8.69 14.07 2.68
N TYR A 174 -8.78 13.05 3.52
CA TYR A 174 -9.04 13.26 4.93
C TYR A 174 -8.09 12.38 5.73
N THR A 175 -7.88 12.74 6.98
CA THR A 175 -6.86 12.10 7.77
C THR A 175 -7.26 10.66 8.13
N GLY A 176 -6.32 9.73 8.04
CA GLY A 176 -6.63 8.34 8.28
C GLY A 176 -6.87 8.11 9.76
N GLY A 177 -7.63 7.08 10.08
CA GLY A 177 -7.87 6.71 11.47
C GLY A 177 -7.79 5.19 11.60
N TYR A 178 -8.79 4.59 12.25
CA TYR A 178 -8.85 3.14 12.36
C TYR A 178 -9.62 2.58 11.16
N ASP A 179 -9.07 2.87 9.98
CA ASP A 179 -9.68 2.54 8.71
C ASP A 179 -8.63 2.11 7.70
N VAL A 180 -7.55 1.51 8.20
CA VAL A 180 -6.51 0.98 7.33
C VAL A 180 -7.03 -0.06 6.33
N SER A 181 -6.65 0.11 5.07
CA SER A 181 -6.87 -0.90 4.06
C SER A 181 -5.61 -0.99 3.21
N LEU A 182 -5.21 -2.20 2.85
CA LEU A 182 -4.03 -2.35 1.99
C LEU A 182 -4.44 -2.66 0.55
N SER A 183 -5.70 -2.44 0.22
CA SER A 183 -6.15 -2.76 -1.13
C SER A 183 -5.39 -1.95 -2.19
N ALA A 184 -5.19 -0.66 -1.93
CA ALA A 184 -4.51 0.20 -2.90
C ALA A 184 -4.02 1.42 -2.18
N TYR A 185 -2.74 1.72 -2.32
CA TYR A 185 -2.16 2.83 -1.55
C TYR A 185 -0.82 3.27 -2.11
N ILE A 186 -0.46 4.51 -1.80
CA ILE A 186 0.87 5.02 -2.09
C ILE A 186 1.61 5.16 -0.77
N ILE A 187 2.84 4.67 -0.69
CA ILE A 187 3.55 4.76 0.58
C ILE A 187 5.01 5.14 0.42
N ARG A 188 5.46 6.01 1.31
CA ARG A 188 6.88 6.37 1.39
C ARG A 188 7.71 5.16 1.75
N VAL A 189 8.75 4.89 0.97
CA VAL A 189 9.54 3.66 1.17
C VAL A 189 10.04 3.52 2.61
N THR A 190 10.59 4.58 3.17
CA THR A 190 11.14 4.46 4.53
C THR A 190 10.01 4.32 5.54
N THR A 191 8.84 4.85 5.22
CA THR A 191 7.67 4.66 6.10
C THR A 191 7.28 3.18 6.14
N ALA A 192 7.21 2.55 4.97
CA ALA A 192 6.91 1.11 4.91
C ALA A 192 7.93 0.27 5.69
N LEU A 193 9.21 0.54 5.44
CA LEU A 193 10.29 -0.12 6.17
C LEU A 193 10.17 0.09 7.67
N ASN A 194 9.88 1.30 8.12
CA ASN A 194 9.81 1.53 9.56
C ASN A 194 8.63 0.80 10.22
N ILE A 195 7.50 0.74 9.52
CA ILE A 195 6.33 0.06 10.06
C ILE A 195 6.61 -1.42 10.21
N VAL A 196 7.08 -2.06 9.14
CA VAL A 196 7.26 -3.50 9.24
C VAL A 196 8.36 -3.82 10.26
N ASP A 197 9.35 -2.94 10.38
CA ASP A 197 10.43 -3.19 11.35
C ASP A 197 9.89 -3.11 12.79
N GLU A 198 8.99 -2.17 13.03
CA GLU A 198 8.37 -2.04 14.35
C GLU A 198 7.50 -3.28 14.69
N ILE A 199 6.76 -3.77 13.69
CA ILE A 199 5.99 -5.00 13.83
C ILE A 199 6.91 -6.15 14.25
N ILE A 200 8.04 -6.29 13.56
CA ILE A 200 8.99 -7.36 13.86
C ILE A 200 9.55 -7.18 15.28
N LYS A 201 10.00 -5.96 15.58
CA LYS A 201 10.52 -5.59 16.89
C LYS A 201 9.55 -5.87 18.04
N SER A 202 8.28 -5.56 17.83
CA SER A 202 7.29 -5.67 18.89
C SER A 202 6.75 -7.09 18.97
N GLY A 203 7.39 -8.00 18.24
CA GLY A 203 7.07 -9.41 18.32
C GLY A 203 6.03 -9.96 17.35
N GLY A 204 5.56 -9.12 16.43
CA GLY A 204 4.59 -9.59 15.45
C GLY A 204 3.17 -9.19 15.79
N LEU A 205 2.32 -9.16 14.77
CA LEU A 205 0.91 -8.87 14.95
C LEU A 205 0.23 -10.02 15.66
N SER A 206 -0.82 -9.72 16.42
CA SER A 206 -1.50 -10.77 17.17
C SER A 206 -3.01 -10.83 16.88
N SER A 207 -3.71 -9.76 17.23
CA SER A 207 -5.13 -9.63 16.97
C SER A 207 -5.42 -8.16 16.67
N GLY A 208 -6.41 -7.89 15.85
CA GLY A 208 -6.66 -6.52 15.45
C GLY A 208 -5.50 -6.01 14.62
N PHE A 209 -5.14 -6.78 13.59
CA PHE A 209 -4.03 -6.46 12.71
C PHE A 209 -4.09 -5.03 12.23
N TYR A 210 -5.25 -4.62 11.71
CA TYR A 210 -5.29 -3.32 11.07
C TYR A 210 -5.35 -2.21 12.09
N PHE A 211 -5.98 -2.47 13.24
CA PHE A 211 -5.91 -1.52 14.34
C PHE A 211 -4.45 -1.28 14.76
N GLU A 212 -3.67 -2.36 14.82
CA GLU A 212 -2.31 -2.22 15.35
C GLU A 212 -1.45 -1.45 14.32
N ILE A 213 -1.66 -1.73 13.04
CA ILE A 213 -0.97 -0.94 12.03
C ILE A 213 -1.30 0.55 12.20
N ALA A 214 -2.57 0.89 12.39
CA ALA A 214 -2.95 2.28 12.67
C ALA A 214 -2.23 2.86 13.89
N ARG A 215 -2.15 2.08 14.98
CA ARG A 215 -1.50 2.55 16.19
C ARG A 215 -0.01 2.79 15.99
N ILE A 216 0.64 1.90 15.25
CA ILE A 216 2.07 2.04 14.98
C ILE A 216 2.32 3.33 14.19
N GLU A 217 1.48 3.58 13.19
CA GLU A 217 1.59 4.79 12.42
C GLU A 217 1.38 6.04 13.28
N ASN A 218 0.37 6.01 14.15
CA ASN A 218 0.10 7.10 15.08
C ASN A 218 1.28 7.38 16.01
N GLU A 219 1.82 6.32 16.61
CA GLU A 219 2.99 6.44 17.48
C GLU A 219 4.19 7.07 16.78
N MET A 220 4.40 6.72 15.51
CA MET A 220 5.50 7.29 14.73
C MET A 220 5.17 8.64 14.09
N LYS A 221 3.97 9.15 14.33
CA LYS A 221 3.51 10.41 13.76
C LYS A 221 3.58 10.36 12.24
N ILE A 222 3.22 9.21 11.70
CA ILE A 222 3.13 9.03 10.26
C ILE A 222 1.90 9.74 9.74
N ASN A 223 2.04 10.48 8.65
CA ASN A 223 0.88 11.14 8.07
C ASN A 223 0.23 10.28 6.98
N ARG A 224 -0.84 9.58 7.34
CA ARG A 224 -1.67 8.84 6.38
C ARG A 224 -2.93 9.62 6.04
N GLN A 225 -3.10 9.88 4.74
CA GLN A 225 -4.30 10.50 4.20
C GLN A 225 -5.14 9.48 3.47
N ILE A 226 -6.45 9.65 3.52
CA ILE A 226 -7.36 8.82 2.75
C ILE A 226 -7.79 9.59 1.50
N LEU A 227 -7.67 8.97 0.34
CA LEU A 227 -8.16 9.62 -0.87
C LEU A 227 -9.69 9.72 -0.88
N ASP A 228 -10.23 10.94 -0.83
CA ASP A 228 -11.67 11.11 -0.84
C ASP A 228 -12.23 10.74 -2.21
N ASN A 229 -13.40 10.11 -2.24
CA ASN A 229 -13.96 9.56 -3.47
C ASN A 229 -12.94 8.69 -4.20
N ALA A 230 -12.24 7.84 -3.45
CA ALA A 230 -11.20 6.97 -4.00
C ALA A 230 -11.71 6.13 -5.16
N ALA A 231 -12.97 5.70 -5.04
CA ALA A 231 -13.58 4.80 -6.02
C ALA A 231 -13.58 5.39 -7.42
N LYS A 232 -13.53 6.71 -7.52
CA LYS A 232 -13.46 7.41 -8.79
C LYS A 232 -12.16 7.11 -9.52
N TYR A 233 -11.12 6.85 -8.75
CA TYR A 233 -9.77 6.71 -9.31
C TYR A 233 -9.33 5.26 -9.36
N VAL A 234 -9.78 4.52 -8.36
CA VAL A 234 -9.36 3.14 -8.21
C VAL A 234 -10.59 2.31 -7.99
N GLU A 235 -11.03 1.59 -9.02
CA GLU A 235 -12.27 0.82 -8.92
C GLU A 235 -12.01 -0.56 -8.31
N HIS A 236 -12.68 -0.87 -7.21
CA HIS A 236 -12.46 -2.14 -6.49
C HIS A 236 -13.33 -3.27 -7.03
N ASP A 237 -12.73 -4.43 -7.29
CA ASP A 237 -13.50 -5.62 -7.65
C ASP A 237 -13.91 -6.37 -6.39
#